data_3U2E
#
_entry.id   3U2E
#
_cell.length_a   62.144
_cell.length_b   75.154
_cell.length_c   129.066
_cell.angle_alpha   90.00
_cell.angle_beta   90.00
_cell.angle_gamma   90.00
#
_symmetry.space_group_name_H-M   'P 21 21 21'
#
loop_
_entity.id
_entity.type
_entity.pdbx_description
1 polymer 'GGDEF family protein'
2 polymer "RNA (5'-R(P*GP*G)-3')"
3 non-polymer 'MAGNESIUM ION'
4 water water
#
loop_
_entity_poly.entity_id
_entity_poly.type
_entity_poly.pdbx_seq_one_letter_code
_entity_poly.pdbx_strand_id
1 'polypeptide(L)'
;LSRLALEADLRGAIGRGEITPYFQPIVRLSTGALSGFEALARWIHPRRG(MSE)LPPDEFLPLIEE(MSE)GL(MSE)SE
LGAH(MSE)(MSE)HAAAQQLSTWRAAHPA(MSE)GNLTVSVNLSTGEIDRPGLVADVAETLRVNRLPRGALKLEVTESD
I(MSE)RDPERAAVILKTLRDAGAGLALDDFGTGFSSLSYLTRLPFDTLKIDRYFVRT(MSE)GNNAGSAKIVRSVVKLG
QDLDLEVVAEGVENAE(MSE)AHALQSLGCDYGQGFGYAPALSPQEAEVYLNEAYVD
;
A,B
2 'polyribonucleotide' GG C,D
#
# COMPACT_ATOMS: atom_id res chain seq x y z
N SER A 2 20.49 15.55 -33.75
CA SER A 2 19.65 14.33 -33.87
C SER A 2 18.60 14.36 -32.77
N ARG A 3 18.91 15.11 -31.71
CA ARG A 3 18.00 15.25 -30.58
C ARG A 3 17.15 16.47 -30.92
N LEU A 4 17.82 17.52 -31.38
CA LEU A 4 17.17 18.75 -31.82
C LEU A 4 16.66 18.55 -33.25
N ALA A 5 17.31 17.66 -33.99
CA ALA A 5 16.83 17.31 -35.33
C ALA A 5 15.47 16.63 -35.15
N LEU A 6 15.37 15.68 -34.21
CA LEU A 6 14.06 15.08 -33.92
C LEU A 6 13.12 16.12 -33.39
N GLU A 7 13.63 17.04 -32.57
CA GLU A 7 12.77 18.05 -32.00
C GLU A 7 12.17 18.92 -33.11
N ALA A 8 12.98 19.27 -34.09
CA ALA A 8 12.51 20.05 -35.24
C ALA A 8 11.42 19.23 -35.97
N ASP A 9 11.68 17.95 -36.19
CA ASP A 9 10.69 17.06 -36.83
C ASP A 9 9.37 16.98 -36.01
N LEU A 10 9.43 17.10 -34.68
CA LEU A 10 8.20 17.07 -33.86
C LEU A 10 7.29 18.28 -34.07
N ARG A 11 7.83 19.40 -34.54
CA ARG A 11 6.97 20.57 -34.77
C ARG A 11 5.93 20.17 -35.80
N GLY A 12 4.66 20.29 -35.42
CA GLY A 12 3.56 19.98 -36.31
C GLY A 12 3.36 18.51 -36.63
N ALA A 13 4.12 17.61 -35.99
CA ALA A 13 4.00 16.16 -36.25
C ALA A 13 2.64 15.62 -35.81
N ILE A 14 2.20 16.05 -34.63
CA ILE A 14 0.90 15.64 -34.10
C ILE A 14 -0.11 16.18 -35.08
N GLY A 15 0.16 17.39 -35.57
CA GLY A 15 -0.71 18.03 -36.54
C GLY A 15 -0.87 17.21 -37.80
N ARG A 16 0.25 16.74 -38.37
CA ARG A 16 0.24 15.95 -39.62
C ARG A 16 -0.21 14.50 -39.37
N GLY A 17 -0.58 14.17 -38.13
CA GLY A 17 -1.03 12.82 -37.80
C GLY A 17 0.03 11.72 -37.85
N GLU A 18 1.28 12.06 -37.55
CA GLU A 18 2.41 11.11 -37.55
C GLU A 18 2.49 10.29 -36.26
N ILE A 19 1.87 10.79 -35.20
CA ILE A 19 1.90 10.09 -33.92
C ILE A 19 0.55 9.46 -33.70
N THR A 20 0.49 8.15 -33.80
CA THR A 20 -0.78 7.48 -33.73
C THR A 20 -0.83 6.26 -32.78
N PRO A 21 -2.06 5.82 -32.42
CA PRO A 21 -2.20 4.71 -31.48
C PRO A 21 -2.14 3.32 -32.09
N TYR A 22 -1.46 2.44 -31.39
CA TYR A 22 -1.36 1.00 -31.73
C TYR A 22 -2.07 0.39 -30.53
N PHE A 23 -2.68 -0.76 -30.72
CA PHE A 23 -3.53 -1.32 -29.73
C PHE A 23 -3.11 -2.68 -29.24
N GLN A 24 -2.76 -2.77 -27.95
CA GLN A 24 -2.38 -4.06 -27.41
C GLN A 24 -3.58 -4.71 -26.73
N PRO A 25 -3.90 -5.94 -27.08
CA PRO A 25 -5.06 -6.57 -26.47
C PRO A 25 -4.95 -6.85 -24.97
N ILE A 26 -6.09 -6.78 -24.27
CA ILE A 26 -6.15 -7.11 -22.87
C ILE A 26 -7.14 -8.27 -22.89
N VAL A 27 -6.78 -9.41 -22.27
CA VAL A 27 -7.64 -10.61 -22.32
C VAL A 27 -8.00 -11.24 -20.96
N ARG A 28 -9.18 -11.83 -20.87
CA ARG A 28 -9.62 -12.48 -19.64
C ARG A 28 -8.87 -13.80 -19.58
N LEU A 29 -8.15 -14.00 -18.47
CA LEU A 29 -7.25 -15.17 -18.33
C LEU A 29 -7.90 -16.55 -18.37
N SER A 30 -9.00 -16.72 -17.62
CA SER A 30 -9.76 -17.99 -17.58
C SER A 30 -10.25 -18.45 -18.95
N THR A 31 -11.15 -17.66 -19.55
CA THR A 31 -11.78 -17.96 -20.85
C THR A 31 -10.94 -17.54 -22.07
N GLY A 32 -9.75 -16.96 -21.86
CA GLY A 32 -8.85 -16.50 -22.94
C GLY A 32 -9.42 -15.44 -23.91
N ALA A 33 -10.63 -14.94 -23.61
CA ALA A 33 -11.34 -13.99 -24.47
C ALA A 33 -10.82 -12.54 -24.41
N LEU A 34 -11.11 -11.76 -25.45
CA LEU A 34 -10.65 -10.37 -25.51
C LEU A 34 -11.55 -9.46 -24.71
N SER A 35 -11.04 -8.65 -23.82
CA SER A 35 -11.93 -7.70 -23.13
C SER A 35 -11.70 -6.28 -23.67
N GLY A 36 -10.49 -5.98 -24.15
CA GLY A 36 -10.22 -4.59 -24.65
C GLY A 36 -8.83 -4.34 -25.12
N PHE A 37 -8.46 -3.08 -25.32
CA PHE A 37 -7.11 -2.74 -25.76
C PHE A 37 -6.54 -1.56 -25.02
N GLU A 38 -5.21 -1.54 -24.88
CA GLU A 38 -4.58 -0.36 -24.40
C GLU A 38 -4.01 0.34 -25.63
N ALA A 39 -4.29 1.62 -25.75
CA ALA A 39 -3.86 2.40 -26.89
C ALA A 39 -2.48 2.93 -26.53
N LEU A 40 -1.45 2.67 -27.35
CA LEU A 40 -0.07 3.13 -27.09
C LEU A 40 0.44 3.97 -28.25
N ALA A 41 1.00 5.12 -27.93
CA ALA A 41 1.42 6.05 -28.94
C ALA A 41 2.67 5.57 -29.65
N ARG A 42 2.70 5.80 -30.94
CA ARG A 42 3.81 5.44 -31.79
C ARG A 42 4.00 6.57 -32.81
N TRP A 43 5.23 6.97 -33.01
CA TRP A 43 5.56 8.02 -33.98
C TRP A 43 6.11 7.37 -35.19
N ILE A 44 5.37 7.48 -36.29
CA ILE A 44 5.78 6.92 -37.57
C ILE A 44 6.42 8.10 -38.31
N HIS A 45 7.71 8.25 -38.08
CA HIS A 45 8.52 9.31 -38.65
C HIS A 45 8.70 9.02 -40.13
N PRO A 46 8.52 10.03 -40.99
CA PRO A 46 8.64 9.86 -42.45
C PRO A 46 9.95 9.26 -42.96
N ARG A 47 11.01 9.42 -42.18
CA ARG A 47 12.32 8.93 -42.53
C ARG A 47 12.85 7.84 -41.59
N ARG A 48 12.71 8.06 -40.30
CA ARG A 48 13.27 7.13 -39.34
C ARG A 48 12.42 5.92 -39.05
N GLY A 49 11.15 5.95 -39.43
CA GLY A 49 10.30 4.81 -39.15
C GLY A 49 9.73 4.89 -37.76
N LEU A 51 9.00 5.14 -34.10
CA LEU A 51 9.81 5.48 -32.97
C LEU A 51 8.97 5.27 -31.74
N PRO A 52 9.51 4.56 -30.73
CA PRO A 52 8.82 4.29 -29.46
C PRO A 52 8.68 5.53 -28.57
N PRO A 53 7.73 5.52 -27.62
CA PRO A 53 7.51 6.70 -26.74
C PRO A 53 8.70 7.18 -25.91
N ASP A 54 9.54 6.27 -25.43
CA ASP A 54 10.70 6.70 -24.64
C ASP A 54 11.63 7.58 -25.46
N GLU A 55 11.52 7.55 -26.79
CA GLU A 55 12.39 8.35 -27.66
C GLU A 55 11.81 9.68 -28.06
N PHE A 56 10.54 9.90 -27.84
CA PHE A 56 9.96 11.17 -28.22
C PHE A 56 9.11 11.83 -27.15
N LEU A 57 8.62 11.02 -26.19
CA LEU A 57 7.77 11.50 -25.14
C LEU A 57 8.53 12.54 -24.33
N PRO A 58 9.80 12.28 -23.99
CA PRO A 58 10.58 13.29 -23.27
C PRO A 58 10.66 14.59 -24.05
N LEU A 59 10.77 14.50 -25.38
CA LEU A 59 10.85 15.69 -26.23
C LEU A 59 9.52 16.40 -26.28
N ILE A 60 8.43 15.63 -26.31
CA ILE A 60 7.11 16.23 -26.31
C ILE A 60 6.93 17.10 -25.08
N GLU A 61 7.47 16.67 -23.94
CA GLU A 61 7.30 17.48 -22.73
C GLU A 61 8.27 18.66 -22.65
N GLU A 62 9.48 18.55 -23.20
CA GLU A 62 10.42 19.68 -23.22
C GLU A 62 9.80 20.86 -23.97
N GLY A 64 6.53 21.46 -24.24
CA GLY A 64 5.21 21.77 -23.72
C GLY A 64 4.09 21.28 -24.63
N LEU A 65 4.28 20.15 -25.29
CA LEU A 65 3.26 19.64 -26.18
C LEU A 65 2.52 18.42 -25.64
N SER A 67 -0.03 18.11 -23.60
CA SER A 67 -1.48 18.20 -23.67
C SER A 67 -2.01 17.98 -25.08
N GLU A 68 -1.28 18.47 -26.08
CA GLU A 68 -1.73 18.32 -27.46
C GLU A 68 -1.66 16.83 -27.85
N LEU A 69 -0.63 16.15 -27.35
CA LEU A 69 -0.47 14.73 -27.60
C LEU A 69 -1.56 13.93 -26.90
N GLY A 70 -1.78 14.21 -25.61
CA GLY A 70 -2.86 13.55 -24.86
C GLY A 70 -4.20 13.75 -25.57
N ALA A 71 -4.46 14.97 -26.02
CA ALA A 71 -5.72 15.24 -26.71
C ALA A 71 -5.88 14.40 -27.96
N HIS A 72 -4.85 14.38 -28.78
CA HIS A 72 -4.88 13.64 -30.02
C HIS A 72 -5.03 12.17 -29.77
N HIS A 75 -8.57 11.36 -28.66
CA HIS A 75 -9.55 11.48 -29.73
C HIS A 75 -9.44 10.31 -30.66
N ALA A 76 -8.20 9.97 -31.03
CA ALA A 76 -7.93 8.86 -31.96
C ALA A 76 -8.38 7.52 -31.31
N ALA A 77 -8.06 7.28 -30.06
CA ALA A 77 -8.50 6.05 -29.42
C ALA A 77 -10.00 6.03 -29.30
N ALA A 78 -10.61 7.18 -29.00
CA ALA A 78 -12.08 7.20 -28.86
C ALA A 78 -12.80 6.95 -30.17
N GLN A 79 -12.32 7.55 -31.25
CA GLN A 79 -12.95 7.33 -32.58
C GLN A 79 -12.86 5.83 -32.97
N GLN A 80 -11.71 5.23 -32.76
CA GLN A 80 -11.51 3.83 -33.10
C GLN A 80 -12.36 2.97 -32.22
N LEU A 81 -12.54 3.35 -30.96
CA LEU A 81 -13.39 2.52 -30.11
C LEU A 81 -14.82 2.52 -30.61
N SER A 82 -15.35 3.65 -31.05
CA SER A 82 -16.78 3.70 -31.40
C SER A 82 -17.06 2.93 -32.65
N THR A 83 -16.14 3.02 -33.61
CA THR A 83 -16.20 2.25 -34.82
C THR A 83 -16.19 0.72 -34.45
N TRP A 84 -15.27 0.33 -33.62
CA TRP A 84 -15.27 -1.09 -33.22
C TRP A 84 -16.54 -1.50 -32.50
N ARG A 85 -17.00 -0.70 -31.54
CA ARG A 85 -18.21 -1.05 -30.81
C ARG A 85 -19.42 -1.18 -31.73
N ALA A 86 -19.54 -0.31 -32.73
CA ALA A 86 -20.67 -0.39 -33.67
C ALA A 86 -20.56 -1.69 -34.54
N ALA A 87 -19.35 -2.07 -34.92
CA ALA A 87 -19.14 -3.27 -35.72
C ALA A 87 -19.19 -4.52 -34.83
N HIS A 88 -19.33 -4.32 -33.53
CA HIS A 88 -19.39 -5.44 -32.60
C HIS A 88 -20.36 -5.20 -31.49
N PRO A 89 -21.66 -5.25 -31.80
CA PRO A 89 -22.69 -5.09 -30.77
C PRO A 89 -22.65 -6.16 -29.67
N ALA A 90 -22.23 -7.38 -30.02
CA ALA A 90 -22.18 -8.52 -29.07
C ALA A 90 -21.11 -8.41 -28.00
N GLY A 92 -20.43 -6.11 -25.38
CA GLY A 92 -20.92 -5.01 -24.60
C GLY A 92 -19.86 -4.39 -23.72
N ASN A 93 -18.87 -5.18 -23.37
CA ASN A 93 -17.80 -4.70 -22.51
C ASN A 93 -16.46 -4.33 -23.19
N LEU A 94 -16.48 -4.04 -24.49
CA LEU A 94 -15.22 -3.68 -25.19
C LEU A 94 -14.77 -2.28 -24.83
N THR A 95 -13.59 -2.17 -24.22
CA THR A 95 -13.00 -0.89 -23.85
C THR A 95 -11.64 -0.63 -24.54
N VAL A 96 -11.25 0.66 -24.55
CA VAL A 96 -9.94 1.10 -24.98
C VAL A 96 -9.37 2.02 -23.88
N SER A 97 -8.08 1.89 -23.60
CA SER A 97 -7.41 2.65 -22.55
C SER A 97 -6.39 3.55 -23.14
N VAL A 98 -6.19 4.72 -22.53
CA VAL A 98 -5.13 5.59 -22.89
C VAL A 98 -4.35 6.05 -21.65
N ASN A 99 -3.03 6.20 -21.82
CA ASN A 99 -2.15 6.60 -20.74
C ASN A 99 -1.95 8.13 -20.64
N LEU A 100 -2.22 8.71 -19.46
CA LEU A 100 -1.98 10.13 -19.18
C LEU A 100 -0.59 10.24 -18.54
N SER A 101 0.33 11.03 -19.09
CA SER A 101 1.63 11.13 -18.43
C SER A 101 1.60 12.04 -17.18
N THR A 102 2.68 12.02 -16.42
CA THR A 102 2.72 12.74 -15.17
C THR A 102 2.28 14.20 -15.30
N GLY A 103 1.34 14.60 -14.44
CA GLY A 103 0.84 15.95 -14.46
C GLY A 103 -0.35 16.21 -15.37
N GLU A 104 -0.60 15.35 -16.36
CA GLU A 104 -1.72 15.56 -17.25
C GLU A 104 -3.07 15.72 -16.52
N ILE A 105 -3.31 14.98 -15.44
CA ILE A 105 -4.60 15.11 -14.75
C ILE A 105 -4.86 16.46 -14.11
N ASP A 106 -3.86 17.31 -14.03
CA ASP A 106 -4.06 18.60 -13.40
C ASP A 106 -4.38 19.62 -14.45
N ARG A 107 -4.32 19.25 -15.72
CA ARG A 107 -4.61 20.23 -16.77
C ARG A 107 -5.99 20.84 -16.51
N PRO A 108 -6.12 22.16 -16.62
N PRO A 108 -6.10 22.18 -16.72
CA PRO A 108 -7.40 22.83 -16.32
CA PRO A 108 -7.27 23.08 -16.52
C PRO A 108 -8.68 22.25 -16.95
C PRO A 108 -8.57 22.94 -17.36
N GLY A 109 -8.62 21.93 -18.24
CA GLY A 109 -9.83 21.58 -18.94
C GLY A 109 -9.93 20.10 -19.25
N LEU A 110 -9.26 19.27 -18.45
CA LEU A 110 -9.24 17.86 -18.76
C LEU A 110 -10.63 17.25 -18.73
N VAL A 111 -11.39 17.49 -17.67
CA VAL A 111 -12.68 16.83 -17.57
C VAL A 111 -13.56 17.21 -18.74
N ALA A 112 -13.61 18.48 -19.08
CA ALA A 112 -14.43 18.95 -20.21
C ALA A 112 -14.02 18.24 -21.52
N ASP A 113 -12.71 18.18 -21.76
CA ASP A 113 -12.16 17.47 -22.94
C ASP A 113 -12.57 16.02 -22.97
N VAL A 114 -12.41 15.35 -21.85
CA VAL A 114 -12.84 13.99 -21.79
C VAL A 114 -14.35 13.92 -22.06
N ALA A 115 -15.14 14.75 -21.42
CA ALA A 115 -16.59 14.68 -21.61
C ALA A 115 -17.01 14.84 -23.08
N GLU A 116 -16.38 15.78 -23.76
CA GLU A 116 -16.63 16.04 -25.17
C GLU A 116 -16.30 14.84 -26.05
N THR A 117 -15.18 14.17 -25.76
CA THR A 117 -14.77 13.00 -26.47
C THR A 117 -15.79 11.90 -26.28
N LEU A 118 -16.29 11.74 -25.07
CA LEU A 118 -17.31 10.70 -24.93
C LEU A 118 -18.58 10.98 -25.73
N ARG A 119 -19.00 12.24 -25.69
CA ARG A 119 -20.20 12.67 -26.37
C ARG A 119 -20.09 12.57 -27.87
N VAL A 120 -19.03 13.12 -28.48
CA VAL A 120 -18.95 13.12 -29.91
C VAL A 120 -18.83 11.73 -30.45
N ASN A 121 -18.16 10.83 -29.74
CA ASN A 121 -18.03 9.44 -30.20
C ASN A 121 -19.14 8.52 -29.75
N ARG A 122 -20.09 9.09 -29.00
CA ARG A 122 -21.29 8.39 -28.55
C ARG A 122 -21.04 7.13 -27.74
N LEU A 123 -19.98 7.18 -26.96
CA LEU A 123 -19.55 6.06 -26.14
C LEU A 123 -20.34 5.85 -24.86
N PRO A 124 -20.60 4.58 -24.50
CA PRO A 124 -21.29 4.36 -23.22
C PRO A 124 -20.28 4.61 -22.10
N ARG A 125 -20.80 4.74 -20.89
CA ARG A 125 -19.96 5.01 -19.72
C ARG A 125 -18.93 3.92 -19.51
N GLY A 126 -17.71 4.28 -19.19
CA GLY A 126 -16.67 3.29 -18.90
C GLY A 126 -16.00 2.60 -20.08
N ALA A 127 -16.40 2.94 -21.31
CA ALA A 127 -15.83 2.29 -22.45
C ALA A 127 -14.41 2.81 -22.71
N LEU A 128 -14.23 4.09 -22.47
CA LEU A 128 -12.94 4.73 -22.64
C LEU A 128 -12.30 4.88 -21.26
N LYS A 129 -11.08 4.35 -21.07
CA LYS A 129 -10.42 4.45 -19.77
C LYS A 129 -9.18 5.24 -19.85
N LEU A 130 -8.83 5.89 -18.74
CA LEU A 130 -7.67 6.66 -18.59
C LEU A 130 -6.82 5.95 -17.50
N GLU A 131 -5.56 5.71 -17.85
CA GLU A 131 -4.60 5.02 -17.01
C GLU A 131 -3.68 6.06 -16.46
N VAL A 132 -3.52 6.10 -15.15
CA VAL A 132 -2.65 7.08 -14.50
C VAL A 132 -1.74 6.33 -13.60
N THR A 133 -0.57 6.90 -13.35
CA THR A 133 0.37 6.24 -12.46
C THR A 133 0.20 6.77 -11.04
N GLU A 134 0.73 6.04 -10.09
CA GLU A 134 0.59 6.40 -8.68
C GLU A 134 1.38 7.67 -8.36
N SER A 135 2.49 7.91 -9.05
CA SER A 135 3.29 9.14 -8.83
C SER A 135 2.52 10.38 -9.19
N ASP A 136 1.71 10.28 -10.23
CA ASP A 136 0.92 11.40 -10.69
C ASP A 136 -0.14 11.75 -9.64
N ILE A 137 -0.41 10.81 -8.75
CA ILE A 137 -1.39 11.02 -7.69
C ILE A 137 -0.79 11.33 -6.35
N ARG A 139 1.62 13.25 -5.68
CA ARG A 139 2.05 14.64 -5.59
C ARG A 139 1.05 15.44 -4.72
N ASP A 140 -0.25 15.32 -5.03
CA ASP A 140 -1.33 16.00 -4.30
C ASP A 140 -2.56 15.06 -4.28
N PRO A 141 -2.61 14.13 -3.31
CA PRO A 141 -3.67 13.12 -3.16
C PRO A 141 -5.11 13.60 -3.10
N GLU A 142 -5.36 14.69 -2.38
CA GLU A 142 -6.71 15.25 -2.26
C GLU A 142 -7.20 15.95 -3.55
N ARG A 143 -6.28 16.61 -4.26
CA ARG A 143 -6.60 17.28 -5.52
C ARG A 143 -6.98 16.20 -6.55
N ALA A 144 -6.11 15.23 -6.69
CA ALA A 144 -6.29 14.13 -7.61
C ALA A 144 -7.57 13.34 -7.29
N ALA A 145 -7.89 13.19 -6.03
CA ALA A 145 -9.09 12.47 -5.67
C ALA A 145 -10.32 13.14 -6.28
N VAL A 146 -10.39 14.47 -6.15
CA VAL A 146 -11.52 15.23 -6.69
C VAL A 146 -11.57 15.14 -8.23
N ILE A 147 -10.42 15.40 -8.88
CA ILE A 147 -10.35 15.37 -10.33
C ILE A 147 -10.76 14.00 -10.83
N LEU A 148 -10.25 12.94 -10.21
CA LEU A 148 -10.59 11.57 -10.61
C LEU A 148 -12.07 11.31 -10.45
N LYS A 149 -12.66 11.83 -9.39
CA LYS A 149 -14.05 11.57 -9.20
C LYS A 149 -14.85 12.28 -10.29
N THR A 150 -14.44 13.47 -10.71
CA THR A 150 -15.20 14.15 -11.74
C THR A 150 -15.05 13.37 -13.09
N LEU A 151 -13.90 12.76 -13.34
CA LEU A 151 -13.71 11.99 -14.58
C LEU A 151 -14.61 10.75 -14.58
N ARG A 152 -14.71 10.09 -13.43
CA ARG A 152 -15.60 8.95 -13.26
C ARG A 152 -17.03 9.42 -13.56
N ASP A 153 -17.45 10.52 -12.94
CA ASP A 153 -18.82 11.04 -13.14
C ASP A 153 -19.16 11.41 -14.62
N ALA A 154 -18.18 11.85 -15.39
CA ALA A 154 -18.36 12.17 -16.82
C ALA A 154 -18.52 10.91 -17.68
N GLY A 155 -18.14 9.72 -17.17
CA GLY A 155 -18.28 8.47 -17.91
C GLY A 155 -16.98 7.78 -18.32
N ALA A 156 -15.85 8.28 -17.84
CA ALA A 156 -14.54 7.67 -18.14
C ALA A 156 -14.26 6.59 -17.12
N GLY A 157 -13.62 5.53 -17.58
CA GLY A 157 -13.13 4.45 -16.74
C GLY A 157 -11.76 4.88 -16.24
N LEU A 158 -11.33 4.32 -15.14
CA LEU A 158 -10.07 4.73 -14.54
C LEU A 158 -9.25 3.51 -14.13
N ALA A 159 -8.00 3.48 -14.58
CA ALA A 159 -7.08 2.39 -14.24
C ALA A 159 -5.81 3.00 -13.59
N LEU A 160 -5.30 2.32 -12.58
CA LEU A 160 -4.08 2.73 -11.87
C LEU A 160 -3.01 1.79 -12.36
N ASP A 161 -2.17 2.31 -13.25
CA ASP A 161 -1.12 1.63 -13.96
C ASP A 161 0.13 1.45 -13.10
N ASP A 162 0.89 0.39 -13.42
CA ASP A 162 2.19 0.08 -12.78
C ASP A 162 2.11 -0.14 -11.27
N PHE A 163 1.00 -0.64 -10.79
CA PHE A 163 0.92 -0.80 -9.39
C PHE A 163 1.96 -1.83 -8.97
N GLY A 164 2.51 -1.65 -7.76
CA GLY A 164 3.56 -2.54 -7.26
C GLY A 164 4.84 -1.75 -7.11
N THR A 165 5.01 -0.78 -8.00
CA THR A 165 6.17 0.08 -7.95
C THR A 165 5.92 1.17 -6.92
N GLY A 166 6.97 1.89 -6.59
CA GLY A 166 6.87 3.04 -5.69
C GLY A 166 6.28 2.68 -4.35
N PHE A 167 5.27 3.44 -3.96
CA PHE A 167 4.60 3.26 -2.67
C PHE A 167 3.54 2.18 -2.63
N SER A 168 2.78 2.01 -3.73
CA SER A 168 1.70 1.06 -3.79
C SER A 168 0.86 1.22 -2.50
N SER A 169 0.40 2.45 -2.27
CA SER A 169 -0.33 2.80 -1.08
C SER A 169 -1.63 2.06 -0.91
N LEU A 170 -1.77 1.29 0.16
CA LEU A 170 -3.04 0.58 0.42
C LEU A 170 -4.09 1.58 0.86
N SER A 171 -3.71 2.50 1.73
CA SER A 171 -4.65 3.53 2.24
C SER A 171 -5.30 4.40 1.14
N TYR A 172 -4.48 4.93 0.22
CA TYR A 172 -4.99 5.80 -0.89
C TYR A 172 -5.83 5.03 -1.92
N LEU A 173 -5.47 3.82 -2.21
CA LEU A 173 -6.21 3.03 -3.16
C LEU A 173 -7.65 2.80 -2.66
N THR A 174 -7.84 2.69 -1.35
CA THR A 174 -9.20 2.48 -0.82
C THR A 174 -10.10 3.70 -1.04
N ARG A 175 -9.54 4.89 -1.16
CA ARG A 175 -10.30 6.14 -1.33
C ARG A 175 -10.45 6.67 -2.76
N LEU A 176 -9.66 6.17 -3.71
CA LEU A 176 -9.72 6.65 -5.08
C LEU A 176 -10.65 5.75 -5.93
N PRO A 177 -11.45 6.38 -6.81
CA PRO A 177 -12.47 5.71 -7.60
C PRO A 177 -12.04 4.94 -8.86
N PHE A 178 -10.94 4.20 -8.76
CA PHE A 178 -10.50 3.40 -9.83
C PHE A 178 -11.43 2.22 -10.08
N ASP A 179 -11.46 1.67 -11.29
CA ASP A 179 -12.21 0.42 -11.50
C ASP A 179 -11.26 -0.73 -11.86
N THR A 180 -10.04 -0.38 -12.19
CA THR A 180 -9.02 -1.32 -12.66
C THR A 180 -7.66 -1.00 -12.04
N LEU A 181 -6.90 -2.05 -11.76
CA LEU A 181 -5.59 -1.95 -11.15
C LEU A 181 -4.66 -2.77 -12.01
N LYS A 182 -3.54 -2.19 -12.46
CA LYS A 182 -2.59 -2.96 -13.28
C LYS A 182 -1.31 -3.28 -12.55
N ILE A 183 -0.87 -4.54 -12.60
CA ILE A 183 0.39 -4.90 -11.94
C ILE A 183 1.53 -4.69 -12.90
N ASP A 184 2.52 -3.92 -12.48
CA ASP A 184 3.67 -3.63 -13.33
C ASP A 184 4.40 -4.88 -13.90
N ARG A 185 4.78 -4.79 -15.17
CA ARG A 185 5.49 -5.83 -15.90
C ARG A 185 6.61 -6.55 -15.09
N TYR A 186 7.45 -5.76 -14.41
CA TYR A 186 8.61 -6.32 -13.68
C TYR A 186 8.23 -7.44 -12.72
N PHE A 187 7.17 -7.27 -11.95
CA PHE A 187 6.76 -8.27 -10.94
C PHE A 187 6.20 -9.53 -11.58
N VAL A 188 5.54 -9.36 -12.72
CA VAL A 188 4.98 -10.48 -13.42
C VAL A 188 6.08 -11.30 -14.07
N ARG A 189 7.09 -10.64 -14.58
CA ARG A 189 8.21 -11.34 -15.21
C ARG A 189 9.03 -12.17 -14.24
N THR A 190 9.32 -11.54 -13.09
CA THR A 190 10.22 -12.09 -12.08
C THR A 190 9.56 -12.84 -10.93
N GLY A 192 8.43 -15.56 -11.00
CA GLY A 192 8.81 -16.95 -11.14
C GLY A 192 10.05 -17.25 -10.32
N ASN A 193 11.01 -16.32 -10.34
CA ASN A 193 12.30 -16.48 -9.67
C ASN A 193 12.61 -15.48 -8.55
N ASN A 194 11.60 -14.86 -7.96
CA ASN A 194 11.81 -13.82 -6.92
C ASN A 194 10.67 -13.79 -5.90
N ALA A 195 11.00 -14.16 -4.66
CA ALA A 195 10.03 -14.27 -3.57
C ALA A 195 9.27 -12.97 -3.40
N GLY A 196 9.98 -11.84 -3.43
CA GLY A 196 9.39 -10.47 -3.29
C GLY A 196 8.35 -10.11 -4.35
N SER A 197 8.73 -10.27 -5.63
CA SER A 197 7.81 -10.03 -6.74
C SER A 197 6.58 -10.96 -6.62
N ALA A 198 6.81 -12.18 -6.16
CA ALA A 198 5.73 -13.18 -6.01
C ALA A 198 4.74 -12.69 -4.99
N LYS A 199 5.25 -12.10 -3.91
CA LYS A 199 4.42 -11.52 -2.86
C LYS A 199 3.67 -10.30 -3.33
N ILE A 200 4.33 -9.40 -4.06
CA ILE A 200 3.67 -8.22 -4.62
C ILE A 200 2.53 -8.65 -5.58
N VAL A 201 2.82 -9.55 -6.50
CA VAL A 201 1.76 -10.00 -7.42
C VAL A 201 0.58 -10.62 -6.68
N ARG A 202 0.85 -11.52 -5.74
CA ARG A 202 -0.27 -12.15 -5.02
C ARG A 202 -1.10 -11.19 -4.21
N SER A 203 -0.47 -10.27 -3.50
CA SER A 203 -1.21 -9.39 -2.62
C SER A 203 -1.88 -8.26 -3.37
N VAL A 204 -1.33 -7.84 -4.50
CA VAL A 204 -2.01 -6.82 -5.29
C VAL A 204 -3.31 -7.42 -5.86
N VAL A 205 -3.27 -8.67 -6.30
CA VAL A 205 -4.47 -9.31 -6.87
C VAL A 205 -5.62 -9.36 -5.87
N LYS A 206 -5.30 -9.81 -4.65
CA LYS A 206 -6.30 -9.95 -3.56
C LYS A 206 -6.78 -8.59 -3.07
N LEU A 207 -5.86 -7.66 -2.91
CA LEU A 207 -6.22 -6.31 -2.54
C LEU A 207 -7.15 -5.70 -3.61
N GLY A 208 -6.79 -5.89 -4.87
CA GLY A 208 -7.59 -5.36 -5.94
C GLY A 208 -8.99 -5.92 -5.94
N GLN A 209 -9.06 -7.24 -5.89
CA GLN A 209 -10.35 -7.92 -5.92
C GLN A 209 -11.23 -7.60 -4.75
N ASP A 210 -10.68 -7.58 -3.54
N ASP A 210 -10.75 -7.65 -3.53
CA ASP A 210 -11.46 -7.25 -2.33
CA ASP A 210 -11.61 -7.30 -2.39
C ASP A 210 -11.98 -5.81 -2.34
C ASP A 210 -12.09 -5.83 -2.46
N LEU A 211 -11.41 -4.98 -3.22
CA LEU A 211 -11.82 -3.57 -3.39
C LEU A 211 -12.72 -3.44 -4.62
N ASP A 212 -13.13 -4.58 -5.17
CA ASP A 212 -13.97 -4.67 -6.38
C ASP A 212 -13.31 -4.09 -7.61
N LEU A 213 -11.99 -4.19 -7.66
CA LEU A 213 -11.27 -3.70 -8.82
C LEU A 213 -10.88 -4.90 -9.66
N GLU A 214 -10.92 -4.72 -10.96
CA GLU A 214 -10.48 -5.76 -11.86
C GLU A 214 -8.97 -5.56 -12.01
N VAL A 215 -8.23 -6.64 -11.85
CA VAL A 215 -6.81 -6.56 -11.91
C VAL A 215 -6.30 -7.09 -13.23
N VAL A 216 -5.36 -6.36 -13.82
CA VAL A 216 -4.73 -6.73 -15.03
C VAL A 216 -3.24 -6.91 -14.80
N ALA A 217 -2.70 -8.08 -15.13
CA ALA A 217 -1.27 -8.31 -15.02
C ALA A 217 -0.66 -7.85 -16.33
N GLU A 218 0.40 -7.08 -16.26
CA GLU A 218 1.09 -6.62 -17.48
C GLU A 218 2.27 -7.51 -17.63
N GLY A 219 2.77 -7.59 -18.86
CA GLY A 219 3.94 -8.37 -19.20
C GLY A 219 3.72 -9.86 -19.23
N VAL A 220 2.54 -10.33 -19.58
CA VAL A 220 2.35 -11.79 -19.63
C VAL A 220 3.08 -12.21 -20.91
N GLU A 221 4.21 -12.88 -20.74
CA GLU A 221 5.05 -13.24 -21.88
C GLU A 221 4.84 -14.64 -22.42
N ASN A 222 4.24 -15.53 -21.64
CA ASN A 222 4.01 -16.92 -22.10
C ASN A 222 2.84 -17.61 -21.43
N ALA A 223 2.54 -18.83 -21.86
CA ALA A 223 1.41 -19.58 -21.28
C ALA A 223 1.70 -19.95 -19.81
N GLU A 224 2.98 -19.95 -19.44
CA GLU A 224 3.40 -20.27 -18.06
C GLU A 224 3.00 -19.13 -17.10
N ALA A 226 0.71 -16.88 -17.72
CA ALA A 226 -0.75 -16.77 -17.75
C ALA A 226 -1.38 -17.76 -16.81
N HIS A 227 -1.00 -19.03 -16.94
CA HIS A 227 -1.49 -20.07 -16.03
C HIS A 227 -1.16 -19.78 -14.58
N ALA A 228 0.04 -19.27 -14.27
CA ALA A 228 0.38 -19.00 -12.86
C ALA A 228 -0.43 -17.79 -12.35
N LEU A 229 -0.75 -16.86 -13.24
CA LEU A 229 -1.55 -15.71 -12.85
C LEU A 229 -2.99 -16.12 -12.60
N GLN A 230 -3.59 -16.90 -13.51
CA GLN A 230 -4.99 -17.29 -13.31
C GLN A 230 -5.16 -18.23 -12.14
N SER A 231 -4.12 -18.99 -11.77
CA SER A 231 -4.23 -19.87 -10.58
C SER A 231 -4.17 -19.06 -9.26
N LEU A 232 -3.99 -17.73 -9.40
CA LEU A 232 -4.05 -16.74 -8.29
C LEU A 232 -5.40 -16.03 -8.37
N GLY A 233 -6.12 -16.19 -9.46
CA GLY A 233 -7.42 -15.57 -9.59
C GLY A 233 -7.35 -14.18 -10.22
N CYS A 234 -6.21 -13.87 -10.80
CA CYS A 234 -6.03 -12.60 -11.46
C CYS A 234 -7.09 -12.40 -12.59
N ASP A 235 -7.67 -11.22 -12.69
CA ASP A 235 -8.71 -11.05 -13.71
C ASP A 235 -8.19 -11.19 -15.17
N TYR A 236 -7.46 -10.19 -15.65
CA TYR A 236 -6.95 -10.11 -16.99
C TYR A 236 -5.42 -10.08 -17.14
N GLY A 237 -4.96 -10.07 -18.38
CA GLY A 237 -3.53 -9.99 -18.67
C GLY A 237 -3.27 -9.35 -20.02
N GLN A 238 -2.09 -8.76 -20.20
CA GLN A 238 -1.69 -8.23 -21.49
C GLN A 238 -0.23 -8.50 -21.52
N GLY A 239 0.35 -8.56 -22.71
CA GLY A 239 1.76 -8.81 -22.85
C GLY A 239 2.02 -9.49 -24.15
N PHE A 240 3.29 -9.51 -24.54
CA PHE A 240 3.75 -10.12 -25.81
C PHE A 240 3.39 -11.56 -26.01
N GLY A 241 2.91 -12.21 -24.97
CA GLY A 241 2.50 -13.59 -25.06
C GLY A 241 1.15 -13.67 -25.72
N TYR A 242 0.47 -12.55 -25.81
CA TYR A 242 -0.80 -12.53 -26.50
C TYR A 242 -0.52 -11.75 -27.79
N ALA A 243 -0.19 -10.49 -27.66
CA ALA A 243 0.13 -9.70 -28.81
C ALA A 243 0.75 -8.40 -28.36
N PRO A 244 1.57 -7.82 -29.24
CA PRO A 244 2.18 -6.52 -28.92
C PRO A 244 1.15 -5.43 -29.19
N ALA A 245 1.55 -4.15 -29.18
CA ALA A 245 0.63 -3.07 -29.59
C ALA A 245 0.46 -3.21 -31.13
N LEU A 246 -0.72 -3.59 -31.56
CA LEU A 246 -1.05 -3.83 -32.96
C LEU A 246 -1.49 -2.61 -33.75
N SER A 247 -1.29 -2.66 -35.07
CA SER A 247 -1.77 -1.61 -35.95
C SER A 247 -3.28 -1.72 -35.91
N PRO A 248 -3.98 -0.64 -36.22
CA PRO A 248 -5.43 -0.71 -36.21
C PRO A 248 -5.96 -1.85 -37.12
N GLN A 249 -5.38 -2.04 -38.31
CA GLN A 249 -5.85 -3.09 -39.22
C GLN A 249 -5.56 -4.46 -38.63
N GLU A 250 -4.47 -4.61 -37.87
CA GLU A 250 -4.25 -5.88 -37.23
C GLU A 250 -5.17 -6.09 -36.06
N ALA A 251 -5.49 -5.04 -35.30
CA ALA A 251 -6.36 -5.18 -34.12
C ALA A 251 -7.80 -5.53 -34.56
N GLU A 252 -8.19 -5.04 -35.74
CA GLU A 252 -9.53 -5.34 -36.21
C GLU A 252 -9.65 -6.81 -36.46
N VAL A 253 -8.61 -7.42 -37.03
CA VAL A 253 -8.63 -8.86 -37.31
C VAL A 253 -8.70 -9.66 -35.99
N TYR A 254 -7.88 -9.26 -35.02
CA TYR A 254 -7.87 -9.86 -33.69
C TYR A 254 -9.28 -9.76 -33.05
N LEU A 255 -9.88 -8.60 -33.16
CA LEU A 255 -11.22 -8.39 -32.66
C LEU A 255 -12.21 -9.33 -33.38
N ASN A 256 -12.18 -9.36 -34.70
CA ASN A 256 -13.07 -10.23 -35.48
C ASN A 256 -12.93 -11.71 -35.09
N GLU A 257 -11.69 -12.18 -34.96
CA GLU A 257 -11.42 -13.55 -34.56
C GLU A 257 -11.87 -13.85 -33.14
N ALA A 258 -11.90 -12.83 -32.30
CA ALA A 258 -12.31 -13.04 -30.92
C ALA A 258 -13.76 -13.50 -30.80
N TYR A 259 -14.57 -13.26 -31.84
CA TYR A 259 -15.93 -13.78 -31.77
C TYR A 259 -15.91 -15.32 -31.64
N VAL A 260 -14.96 -15.97 -32.33
CA VAL A 260 -14.87 -17.44 -32.32
C VAL A 260 -14.33 -17.93 -30.97
N ASP A 261 -15.08 -18.84 -30.34
CA ASP A 261 -14.77 -19.36 -29.02
C ASP A 261 -13.38 -20.00 -28.94
N LEU B 1 3.56 28.11 33.44
CA LEU B 1 3.73 27.74 34.88
C LEU B 1 4.49 26.41 35.00
N SER B 2 3.78 25.29 34.86
CA SER B 2 4.38 23.95 35.00
C SER B 2 5.29 23.52 33.84
N ARG B 3 5.00 23.98 32.63
CA ARG B 3 5.79 23.62 31.42
C ARG B 3 7.33 23.59 31.66
N LEU B 4 7.78 24.28 32.70
CA LEU B 4 9.21 24.46 33.02
C LEU B 4 9.56 23.72 34.33
N ALA B 5 8.57 23.59 35.21
CA ALA B 5 8.72 22.88 36.49
C ALA B 5 8.80 21.38 36.27
N LEU B 6 8.02 20.89 35.30
CA LEU B 6 8.06 19.48 34.95
C LEU B 6 9.45 19.14 34.48
N GLU B 7 10.07 20.02 33.70
CA GLU B 7 11.42 19.73 33.21
C GLU B 7 12.35 19.53 34.36
N ALA B 8 12.18 20.29 35.43
CA ALA B 8 13.07 20.14 36.61
C ALA B 8 12.86 18.78 37.29
N ASP B 9 11.58 18.43 37.46
CA ASP B 9 11.19 17.18 38.05
C ASP B 9 11.57 16.02 37.17
N LEU B 10 11.38 16.18 35.86
CA LEU B 10 11.72 15.12 34.90
C LEU B 10 13.15 14.73 34.84
N ARG B 11 14.04 15.64 35.18
CA ARG B 11 15.46 15.34 35.12
C ARG B 11 15.72 14.41 36.31
N GLY B 12 16.27 13.23 36.00
CA GLY B 12 16.53 12.23 37.04
C GLY B 12 15.36 11.28 37.26
N ALA B 13 14.18 11.61 36.75
CA ALA B 13 12.96 10.76 36.91
C ALA B 13 13.17 9.29 36.47
N ILE B 14 13.89 9.13 35.38
CA ILE B 14 14.21 7.81 34.88
C ILE B 14 15.06 7.04 35.85
N GLY B 15 16.15 7.64 36.32
CA GLY B 15 17.02 6.99 37.29
C GLY B 15 16.34 6.69 38.62
N ARG B 16 15.38 7.52 39.03
CA ARG B 16 14.62 7.24 40.29
C ARG B 16 13.56 6.15 40.11
N GLY B 17 13.35 5.66 38.90
CA GLY B 17 12.35 4.65 38.68
C GLY B 17 10.92 5.13 38.61
N GLU B 18 10.69 6.42 38.35
CA GLU B 18 9.34 7.01 38.31
C GLU B 18 8.58 6.77 36.99
N ILE B 19 9.32 6.50 35.94
CA ILE B 19 8.70 6.25 34.66
C ILE B 19 8.77 4.75 34.48
N THR B 20 7.61 4.12 34.56
CA THR B 20 7.51 2.69 34.56
C THR B 20 6.46 2.13 33.54
N PRO B 21 6.63 0.89 33.10
CA PRO B 21 5.66 0.44 32.14
C PRO B 21 4.38 -0.05 32.75
N TYR B 22 3.28 0.18 32.05
CA TYR B 22 1.98 -0.37 32.37
C TYR B 22 1.72 -1.31 31.16
N PHE B 23 0.90 -2.32 31.34
CA PHE B 23 0.77 -3.34 30.37
C PHE B 23 -0.63 -3.62 29.86
N GLN B 24 -0.85 -3.34 28.57
CA GLN B 24 -2.15 -3.61 27.95
C GLN B 24 -2.18 -4.95 27.27
N PRO B 25 -3.13 -5.83 27.64
CA PRO B 25 -3.29 -7.12 27.07
C PRO B 25 -3.58 -7.15 25.57
N ILE B 26 -3.03 -8.14 24.90
CA ILE B 26 -3.26 -8.42 23.49
C ILE B 26 -3.85 -9.83 23.61
N VAL B 27 -4.97 -10.04 22.96
CA VAL B 27 -5.71 -11.28 23.02
C VAL B 27 -5.87 -11.91 21.65
N ARG B 28 -5.83 -13.23 21.61
CA ARG B 28 -6.03 -13.98 20.38
C ARG B 28 -7.53 -14.11 20.15
N LEU B 29 -7.98 -13.61 19.01
CA LEU B 29 -9.40 -13.63 18.72
C LEU B 29 -9.93 -15.05 18.56
N SER B 30 -9.23 -15.89 17.81
CA SER B 30 -9.71 -17.27 17.61
C SER B 30 -10.05 -18.02 18.92
N THR B 31 -9.13 -18.01 19.89
CA THR B 31 -9.31 -18.72 21.18
C THR B 31 -9.72 -17.89 22.42
N GLY B 32 -9.65 -16.56 22.36
CA GLY B 32 -9.97 -15.70 23.51
C GLY B 32 -8.79 -15.52 24.49
N ALA B 33 -7.75 -16.31 24.30
CA ALA B 33 -6.56 -16.32 25.18
C ALA B 33 -5.63 -15.10 25.12
N LEU B 34 -5.04 -14.76 26.25
CA LEU B 34 -4.05 -13.74 26.37
C LEU B 34 -2.85 -14.26 25.58
N SER B 35 -2.28 -13.41 24.73
CA SER B 35 -1.13 -13.79 23.95
C SER B 35 0.07 -12.90 24.26
N GLY B 36 -0.14 -11.74 24.89
CA GLY B 36 0.97 -10.85 25.19
C GLY B 36 0.51 -9.52 25.69
N PHE B 37 1.46 -8.59 25.87
CA PHE B 37 1.17 -7.25 26.33
C PHE B 37 1.92 -6.17 25.61
N GLU B 38 1.29 -5.00 25.49
CA GLU B 38 1.98 -3.83 25.01
C GLU B 38 2.29 -3.01 26.28
N ALA B 39 3.56 -2.69 26.45
CA ALA B 39 4.07 -1.96 27.57
C ALA B 39 3.95 -0.49 27.19
N LEU B 40 3.40 0.34 28.07
CA LEU B 40 3.22 1.76 27.80
C LEU B 40 3.74 2.56 29.01
N ALA B 41 4.56 3.55 28.72
CA ALA B 41 5.21 4.37 29.71
C ALA B 41 4.26 5.23 30.48
N ARG B 42 4.47 5.28 31.77
CA ARG B 42 3.67 6.04 32.66
C ARG B 42 4.58 6.69 33.66
N TRP B 43 4.32 7.97 33.92
CA TRP B 43 5.11 8.71 34.90
C TRP B 43 4.36 8.88 36.17
N ILE B 44 4.79 8.17 37.21
CA ILE B 44 4.18 8.30 38.54
C ILE B 44 4.99 9.32 39.31
N HIS B 45 4.55 10.57 39.21
CA HIS B 45 5.20 11.68 39.87
C HIS B 45 4.78 11.62 41.29
N PRO B 46 5.73 11.72 42.25
CA PRO B 46 5.43 11.64 43.69
C PRO B 46 4.45 12.68 44.21
N ARG B 47 4.36 13.81 43.54
CA ARG B 47 3.41 14.83 43.88
C ARG B 47 2.20 14.83 43.00
N ARG B 48 2.42 14.85 41.70
CA ARG B 48 1.36 14.97 40.71
C ARG B 48 0.57 13.72 40.38
N GLY B 49 1.08 12.57 40.73
CA GLY B 49 0.40 11.36 40.46
C GLY B 49 0.80 10.85 39.10
N LEU B 51 1.00 10.55 35.22
CA LEU B 51 0.87 11.40 34.05
C LEU B 51 1.08 10.56 32.80
N PRO B 52 0.32 10.83 31.72
CA PRO B 52 0.46 10.05 30.49
C PRO B 52 1.57 10.55 29.59
N PRO B 53 2.06 9.69 28.70
CA PRO B 53 3.15 9.99 27.77
C PRO B 53 3.03 11.33 27.00
N ASP B 54 1.80 11.70 26.56
CA ASP B 54 1.64 12.95 25.82
C ASP B 54 2.09 14.15 26.63
N GLU B 55 2.06 14.05 27.95
CA GLU B 55 2.47 15.15 28.78
C GLU B 55 3.96 15.13 29.10
N PHE B 56 4.67 14.04 28.91
CA PHE B 56 6.08 14.06 29.26
C PHE B 56 7.05 13.75 28.14
N LEU B 57 6.64 12.89 27.22
CA LEU B 57 7.48 12.50 26.12
C LEU B 57 8.06 13.69 25.36
N PRO B 58 7.25 14.71 25.05
CA PRO B 58 7.81 15.85 24.33
C PRO B 58 8.94 16.53 25.10
N LEU B 59 8.84 16.51 26.43
CA LEU B 59 9.87 17.11 27.26
C LEU B 59 11.10 16.21 27.32
N ILE B 60 10.90 14.90 27.36
CA ILE B 60 12.03 13.97 27.32
C ILE B 60 12.85 14.24 26.03
N GLU B 61 12.13 14.38 24.93
CA GLU B 61 12.73 14.66 23.66
C GLU B 61 13.58 15.94 23.71
N GLU B 62 12.98 17.06 24.12
CA GLU B 62 13.71 18.31 24.19
C GLU B 62 14.96 18.21 25.04
N GLY B 64 16.72 15.71 25.37
CA GLY B 64 17.60 14.71 24.74
C GLY B 64 17.71 13.41 25.55
N LEU B 65 16.62 13.00 26.17
CA LEU B 65 16.62 11.81 27.01
C LEU B 65 15.85 10.64 26.40
N SER B 67 16.64 8.37 24.18
CA SER B 67 17.41 7.13 24.22
C SER B 67 17.45 6.49 25.61
N GLU B 68 17.49 7.32 26.64
CA GLU B 68 17.53 6.82 28.00
C GLU B 68 16.17 6.29 28.37
N LEU B 69 15.13 6.91 27.87
CA LEU B 69 13.80 6.45 28.19
C LEU B 69 13.56 5.11 27.51
N GLY B 70 13.91 5.00 26.25
CA GLY B 70 13.72 3.74 25.50
C GLY B 70 14.50 2.58 26.15
N ALA B 71 15.75 2.79 26.50
CA ALA B 71 16.52 1.73 27.14
C ALA B 71 15.84 1.28 28.42
N HIS B 72 15.37 2.25 29.19
CA HIS B 72 14.70 1.91 30.44
C HIS B 72 13.44 1.12 30.23
N HIS B 75 14.22 -2.30 29.08
CA HIS B 75 14.77 -3.10 30.16
C HIS B 75 13.71 -3.52 31.13
N ALA B 76 12.87 -2.58 31.52
CA ALA B 76 11.76 -2.86 32.50
C ALA B 76 10.74 -3.86 31.89
N ALA B 77 10.42 -3.72 30.61
CA ALA B 77 9.50 -4.64 29.96
C ALA B 77 10.02 -6.06 29.99
N ALA B 78 11.28 -6.21 29.59
CA ALA B 78 11.99 -7.51 29.55
C ALA B 78 12.15 -8.15 30.90
N GLN B 79 12.51 -7.39 31.91
CA GLN B 79 12.65 -7.92 33.28
C GLN B 79 11.28 -8.42 33.78
N GLN B 80 10.22 -7.66 33.51
CA GLN B 80 8.89 -8.07 33.96
C GLN B 80 8.54 -9.37 33.28
N LEU B 81 8.81 -9.42 31.98
CA LEU B 81 8.50 -10.64 31.24
C LEU B 81 9.27 -11.81 31.80
N SER B 82 10.55 -11.63 32.12
CA SER B 82 11.24 -12.80 32.67
C SER B 82 10.72 -13.15 34.05
N THR B 83 10.42 -12.16 34.89
CA THR B 83 9.89 -12.44 36.24
C THR B 83 8.57 -13.19 36.14
N TRP B 84 7.74 -12.89 35.14
CA TRP B 84 6.48 -13.62 34.97
C TRP B 84 6.70 -15.03 34.50
N ARG B 85 7.68 -15.24 33.62
CA ARG B 85 7.97 -16.59 33.09
C ARG B 85 8.55 -17.53 34.14
N ALA B 86 9.25 -16.96 35.13
CA ALA B 86 9.82 -17.75 36.25
C ALA B 86 8.72 -18.13 37.26
N ALA B 87 7.74 -17.24 37.43
CA ALA B 87 6.61 -17.48 38.33
C ALA B 87 5.49 -18.31 37.71
N HIS B 88 5.40 -18.35 36.38
CA HIS B 88 4.34 -19.10 35.68
C HIS B 88 4.88 -19.79 34.46
N PRO B 89 5.66 -20.88 34.63
CA PRO B 89 6.21 -21.59 33.46
C PRO B 89 5.19 -22.22 32.47
N ALA B 90 3.91 -22.15 32.80
CA ALA B 90 2.85 -22.68 31.95
C ALA B 90 2.68 -21.89 30.65
N GLY B 92 4.75 -20.38 28.04
CA GLY B 92 5.37 -20.60 26.72
C GLY B 92 5.87 -19.31 26.08
N ASN B 93 5.24 -18.81 25.02
CA ASN B 93 5.76 -17.55 24.45
C ASN B 93 4.75 -16.39 24.45
N LEU B 94 4.56 -15.89 25.66
CA LEU B 94 3.79 -14.71 25.98
C LEU B 94 4.77 -13.64 25.57
N THR B 95 4.35 -12.64 24.83
CA THR B 95 5.28 -11.61 24.39
C THR B 95 5.00 -10.26 25.08
N VAL B 96 5.99 -9.37 25.04
CA VAL B 96 5.83 -8.00 25.49
C VAL B 96 6.38 -7.09 24.38
N SER B 97 5.65 -6.01 24.09
CA SER B 97 6.02 -4.97 23.07
C SER B 97 6.38 -3.66 23.68
N VAL B 98 7.27 -2.94 23.01
CA VAL B 98 7.67 -1.64 23.42
C VAL B 98 7.69 -0.70 22.18
N ASN B 99 7.17 0.49 22.34
CA ASN B 99 7.14 1.44 21.24
C ASN B 99 8.43 2.26 21.19
N LEU B 100 8.97 2.43 20.00
CA LEU B 100 10.13 3.28 19.77
C LEU B 100 9.64 4.52 19.08
N SER B 101 10.10 5.70 19.52
CA SER B 101 9.72 6.96 18.85
C SER B 101 10.50 7.04 17.55
N THR B 102 10.10 7.98 16.68
CA THR B 102 10.75 8.20 15.41
C THR B 102 12.26 8.44 15.62
N GLY B 103 13.07 7.73 14.85
CA GLY B 103 14.48 7.82 14.90
C GLY B 103 15.15 6.94 15.94
N GLU B 104 14.45 6.50 16.98
CA GLU B 104 15.08 5.69 18.02
C GLU B 104 15.72 4.45 17.41
N ILE B 105 15.10 3.96 16.35
CA ILE B 105 15.56 2.81 15.59
C ILE B 105 17.02 2.95 15.13
N ASP B 106 17.47 4.18 14.93
CA ASP B 106 18.84 4.45 14.46
C ASP B 106 19.78 4.76 15.60
N ARG B 107 19.29 4.85 16.84
CA ARG B 107 20.21 5.23 17.90
C ARG B 107 21.42 4.31 17.99
N PRO B 108 22.56 4.89 18.34
CA PRO B 108 23.81 4.14 18.43
C PRO B 108 23.70 3.10 19.54
N GLY B 109 24.06 1.85 19.22
CA GLY B 109 24.03 0.76 20.19
C GLY B 109 22.69 0.05 20.43
N LEU B 110 21.67 0.34 19.62
CA LEU B 110 20.39 -0.29 19.86
C LEU B 110 20.47 -1.82 19.75
N VAL B 111 21.09 -2.34 18.69
CA VAL B 111 21.13 -3.79 18.47
C VAL B 111 21.83 -4.50 19.62
N ALA B 112 22.95 -3.96 20.08
CA ALA B 112 23.72 -4.56 21.19
C ALA B 112 22.90 -4.55 22.47
N ASP B 113 22.21 -3.44 22.70
CA ASP B 113 21.36 -3.30 23.91
C ASP B 113 20.22 -4.33 23.91
N VAL B 114 19.59 -4.57 22.76
CA VAL B 114 18.54 -5.58 22.64
C VAL B 114 19.10 -6.98 22.84
N ALA B 115 20.25 -7.28 22.23
CA ALA B 115 20.83 -8.62 22.36
C ALA B 115 21.15 -8.85 23.83
N GLU B 116 21.69 -7.82 24.44
CA GLU B 116 22.04 -7.90 25.83
C GLU B 116 20.80 -8.12 26.70
N THR B 117 19.73 -7.38 26.46
CA THR B 117 18.50 -7.56 27.23
C THR B 117 17.87 -8.98 27.06
N LEU B 118 17.89 -9.56 25.86
CA LEU B 118 17.35 -10.94 25.66
C LEU B 118 18.23 -11.97 26.37
N ARG B 119 19.53 -11.76 26.35
CA ARG B 119 20.44 -12.68 27.01
C ARG B 119 20.22 -12.72 28.50
N VAL B 120 20.32 -11.57 29.16
CA VAL B 120 20.28 -11.58 30.60
C VAL B 120 18.93 -11.98 31.14
N ASN B 121 17.88 -11.74 30.38
CA ASN B 121 16.52 -12.11 30.77
C ASN B 121 16.08 -13.47 30.23
N ARG B 122 17.04 -14.17 29.61
CA ARG B 122 16.89 -15.55 29.07
C ARG B 122 15.66 -15.74 28.21
N LEU B 123 15.31 -14.72 27.48
CA LEU B 123 14.13 -14.74 26.66
C LEU B 123 14.29 -15.47 25.32
N PRO B 124 13.19 -16.09 24.83
CA PRO B 124 13.21 -16.72 23.52
C PRO B 124 13.21 -15.62 22.45
N ARG B 125 13.62 -15.98 21.24
CA ARG B 125 13.58 -15.06 20.14
C ARG B 125 12.14 -14.57 19.92
N GLY B 126 11.96 -13.30 19.64
CA GLY B 126 10.63 -12.78 19.41
C GLY B 126 9.82 -12.47 20.65
N ALA B 127 10.30 -12.83 21.83
CA ALA B 127 9.57 -12.56 23.09
C ALA B 127 9.38 -11.05 23.34
N LEU B 128 10.42 -10.29 23.04
CA LEU B 128 10.39 -8.86 23.20
C LEU B 128 10.20 -8.30 21.81
N LYS B 129 9.17 -7.47 21.62
CA LYS B 129 8.87 -6.90 20.31
C LYS B 129 9.03 -5.39 20.34
N LEU B 130 9.47 -4.85 19.21
CA LEU B 130 9.69 -3.43 19.09
C LEU B 130 8.63 -2.95 18.08
N GLU B 131 7.85 -1.94 18.45
CA GLU B 131 6.81 -1.41 17.59
C GLU B 131 7.31 -0.10 17.02
N VAL B 132 7.24 0.05 15.70
CA VAL B 132 7.62 1.27 15.08
C VAL B 132 6.52 1.71 14.17
N THR B 133 6.49 3.01 13.87
CA THR B 133 5.53 3.54 12.94
C THR B 133 6.22 3.63 11.57
N GLU B 134 5.40 3.79 10.51
CA GLU B 134 5.94 3.82 9.16
C GLU B 134 6.83 5.05 8.92
N SER B 135 6.78 6.02 9.80
CA SER B 135 7.61 7.21 9.68
C SER B 135 9.05 6.78 9.69
N ASP B 136 9.38 5.79 10.51
CA ASP B 136 10.73 5.29 10.56
C ASP B 136 11.19 4.54 9.32
N ILE B 137 10.25 4.14 8.48
CA ILE B 137 10.56 3.35 7.32
C ILE B 137 10.50 4.15 6.05
N ARG B 139 11.02 7.15 6.10
CA ARG B 139 12.18 8.05 6.36
C ARG B 139 13.36 7.71 5.46
N ASP B 140 13.82 6.47 5.54
CA ASP B 140 14.87 5.95 4.65
C ASP B 140 14.67 4.44 4.64
N PRO B 141 13.94 3.95 3.62
CA PRO B 141 13.57 2.54 3.49
C PRO B 141 14.71 1.53 3.42
N GLU B 142 15.79 1.86 2.73
CA GLU B 142 16.92 0.95 2.58
C GLU B 142 17.67 0.84 3.90
N ARG B 143 17.83 1.95 4.62
CA ARG B 143 18.51 1.93 5.91
C ARG B 143 17.65 1.19 6.93
N ALA B 144 16.35 1.48 6.92
CA ALA B 144 15.40 0.84 7.81
C ALA B 144 15.49 -0.67 7.59
N ALA B 145 15.65 -1.07 6.34
CA ALA B 145 15.76 -2.48 5.98
C ALA B 145 17.00 -3.09 6.65
N VAL B 146 18.13 -2.41 6.62
CA VAL B 146 19.33 -2.92 7.26
C VAL B 146 19.12 -3.02 8.77
N ILE B 147 18.80 -1.90 9.43
CA ILE B 147 18.62 -1.91 10.88
C ILE B 147 17.66 -2.98 11.34
N LEU B 148 16.49 -3.06 10.70
CA LEU B 148 15.43 -4.02 11.09
C LEU B 148 15.87 -5.47 10.96
N LYS B 149 16.61 -5.79 9.91
CA LYS B 149 17.13 -7.16 9.76
C LYS B 149 18.08 -7.49 10.92
N THR B 150 18.99 -6.58 11.26
CA THR B 150 19.91 -6.86 12.38
C THR B 150 19.12 -6.98 13.69
N LEU B 151 18.00 -6.25 13.88
CA LEU B 151 17.23 -6.35 15.15
C LEU B 151 16.53 -7.70 15.19
N ARG B 152 16.05 -8.16 14.06
CA ARG B 152 15.42 -9.49 13.95
C ARG B 152 16.46 -10.58 14.18
N ASP B 153 17.60 -10.44 13.54
CA ASP B 153 18.70 -11.39 13.72
C ASP B 153 19.16 -11.47 15.20
N ALA B 154 19.10 -10.34 15.93
CA ALA B 154 19.44 -10.32 17.37
C ALA B 154 18.34 -10.95 18.25
N GLY B 155 17.13 -11.19 17.72
CA GLY B 155 16.08 -11.81 18.52
C GLY B 155 14.85 -10.99 18.83
N ALA B 156 14.79 -9.76 18.34
CA ALA B 156 13.62 -8.95 18.59
C ALA B 156 12.54 -9.27 17.59
N GLY B 157 11.30 -9.23 18.04
CA GLY B 157 10.16 -9.32 17.18
C GLY B 157 9.97 -7.87 16.75
N LEU B 158 9.22 -7.67 15.68
CA LEU B 158 9.01 -6.35 15.10
C LEU B 158 7.55 -6.14 14.66
N ALA B 159 6.95 -5.02 15.08
CA ALA B 159 5.57 -4.71 14.78
C ALA B 159 5.47 -3.37 14.10
N LEU B 160 4.62 -3.29 13.05
CA LEU B 160 4.40 -2.02 12.34
C LEU B 160 3.10 -1.46 12.90
N ASP B 161 3.26 -0.46 13.76
CA ASP B 161 2.17 0.17 14.50
C ASP B 161 1.45 1.19 13.63
N ASP B 162 0.16 1.40 13.92
CA ASP B 162 -0.66 2.39 13.24
C ASP B 162 -0.81 2.17 11.75
N PHE B 163 -0.75 0.91 11.33
CA PHE B 163 -0.91 0.64 9.94
C PHE B 163 -2.32 1.03 9.50
N GLY B 164 -2.39 1.59 8.31
CA GLY B 164 -3.62 2.08 7.71
C GLY B 164 -3.55 3.60 7.53
N THR B 165 -2.79 4.26 8.39
CA THR B 165 -2.60 5.71 8.30
C THR B 165 -1.48 5.97 7.30
N GLY B 166 -1.30 7.23 6.94
CA GLY B 166 -0.30 7.63 6.00
C GLY B 166 -0.29 6.80 4.70
N PHE B 167 0.89 6.34 4.31
CA PHE B 167 1.00 5.60 3.03
C PHE B 167 0.56 4.15 3.09
N SER B 168 0.90 3.47 4.18
CA SER B 168 0.57 2.07 4.34
C SER B 168 1.00 1.35 3.05
N SER B 169 2.28 1.48 2.73
CA SER B 169 2.87 0.93 1.50
C SER B 169 2.88 -0.59 1.39
N LEU B 170 2.21 -1.14 0.37
CA LEU B 170 2.22 -2.60 0.19
C LEU B 170 3.58 -3.09 -0.33
N SER B 171 4.24 -2.29 -1.15
CA SER B 171 5.55 -2.65 -1.69
C SER B 171 6.64 -2.67 -0.61
N TYR B 172 6.79 -1.58 0.13
CA TYR B 172 7.84 -1.50 1.19
C TYR B 172 7.66 -2.63 2.21
N LEU B 173 6.42 -2.92 2.54
CA LEU B 173 6.17 -3.95 3.51
C LEU B 173 6.77 -5.29 3.12
N THR B 174 6.66 -5.67 1.84
CA THR B 174 7.12 -6.99 1.38
C THR B 174 8.60 -7.19 1.50
N ARG B 175 9.32 -6.12 1.77
CA ARG B 175 10.79 -6.16 1.87
C ARG B 175 11.29 -5.95 3.29
N LEU B 176 10.41 -5.65 4.22
CA LEU B 176 10.80 -5.42 5.57
C LEU B 176 10.50 -6.64 6.43
N PRO B 177 11.41 -6.98 7.33
CA PRO B 177 11.22 -8.16 8.14
C PRO B 177 10.28 -8.01 9.32
N PHE B 178 9.08 -7.46 9.12
CA PHE B 178 8.12 -7.39 10.20
C PHE B 178 7.49 -8.74 10.38
N ASP B 179 6.98 -9.00 11.56
CA ASP B 179 6.26 -10.21 11.78
C ASP B 179 4.81 -9.88 12.21
N THR B 180 4.53 -8.60 12.44
CA THR B 180 3.26 -8.13 12.94
C THR B 180 2.88 -6.78 12.39
N LEU B 181 1.61 -6.63 12.01
CA LEU B 181 1.02 -5.39 11.55
C LEU B 181 -0.09 -5.05 12.52
N LYS B 182 -0.22 -3.78 12.90
CA LYS B 182 -1.25 -3.36 13.80
C LYS B 182 -2.15 -2.35 13.09
N ILE B 183 -3.46 -2.60 13.13
CA ILE B 183 -4.39 -1.70 12.51
C ILE B 183 -4.65 -0.59 13.47
N ASP B 184 -4.44 0.64 13.00
CA ASP B 184 -4.63 1.79 13.86
C ASP B 184 -6.03 1.87 14.48
N ARG B 185 -6.13 2.40 15.71
CA ARG B 185 -7.43 2.51 16.46
C ARG B 185 -8.58 3.18 15.68
N TYR B 186 -8.31 4.28 15.02
CA TYR B 186 -9.32 4.98 14.30
C TYR B 186 -10.15 4.11 13.37
N PHE B 187 -9.48 3.24 12.61
CA PHE B 187 -10.17 2.40 11.63
C PHE B 187 -11.01 1.35 12.28
N VAL B 188 -10.50 0.79 13.35
CA VAL B 188 -11.24 -0.21 14.03
C VAL B 188 -12.47 0.38 14.68
N ARG B 189 -12.37 1.54 15.30
CA ARG B 189 -13.54 2.04 15.96
C ARG B 189 -14.59 2.68 15.06
N THR B 190 -14.25 3.02 13.82
CA THR B 190 -15.19 3.65 12.93
C THR B 190 -15.55 2.69 11.82
N GLY B 192 -17.57 0.27 11.71
CA GLY B 192 -18.97 -0.08 11.70
C GLY B 192 -19.85 0.95 10.98
N ASN B 193 -19.47 2.23 11.04
CA ASN B 193 -20.26 3.29 10.39
C ASN B 193 -19.49 4.19 9.42
N ASN B 194 -18.28 3.77 9.02
CA ASN B 194 -17.48 4.52 8.03
C ASN B 194 -16.94 3.56 6.97
N ALA B 195 -17.48 3.70 5.77
CA ALA B 195 -17.17 2.84 4.62
C ALA B 195 -15.67 2.81 4.34
N GLY B 196 -15.04 3.96 4.44
CA GLY B 196 -13.62 4.07 4.22
C GLY B 196 -12.84 3.25 5.22
N SER B 197 -13.17 3.40 6.48
CA SER B 197 -12.52 2.66 7.55
C SER B 197 -12.74 1.13 7.37
N ALA B 198 -13.92 0.73 6.98
CA ALA B 198 -14.23 -0.70 6.79
C ALA B 198 -13.35 -1.29 5.70
N LYS B 199 -13.09 -0.53 4.63
CA LYS B 199 -12.24 -1.04 3.57
C LYS B 199 -10.80 -1.20 4.02
N ILE B 200 -10.32 -0.26 4.82
CA ILE B 200 -8.92 -0.31 5.32
C ILE B 200 -8.74 -1.48 6.28
N VAL B 201 -9.77 -1.77 7.07
CA VAL B 201 -9.68 -2.87 8.04
C VAL B 201 -9.61 -4.17 7.31
N ARG B 202 -10.54 -4.38 6.39
CA ARG B 202 -10.52 -5.62 5.60
C ARG B 202 -9.24 -5.79 4.80
N SER B 203 -8.76 -4.74 4.15
CA SER B 203 -7.55 -4.87 3.33
C SER B 203 -6.33 -5.21 4.15
N VAL B 204 -6.17 -4.54 5.29
CA VAL B 204 -5.02 -4.79 6.13
C VAL B 204 -5.05 -6.25 6.59
N VAL B 205 -6.20 -6.71 7.01
CA VAL B 205 -6.29 -8.06 7.48
C VAL B 205 -5.90 -9.03 6.39
N LYS B 206 -6.50 -8.91 5.21
CA LYS B 206 -6.18 -9.80 4.06
C LYS B 206 -4.73 -9.68 3.60
N LEU B 207 -4.18 -8.49 3.67
CA LEU B 207 -2.80 -8.28 3.30
C LEU B 207 -1.87 -9.02 4.24
N GLY B 208 -2.14 -8.94 5.55
CA GLY B 208 -1.35 -9.64 6.56
C GLY B 208 -1.35 -11.15 6.28
N GLN B 209 -2.53 -11.70 6.01
CA GLN B 209 -2.60 -13.09 5.66
C GLN B 209 -1.75 -13.41 4.42
N ASP B 210 -1.86 -12.60 3.36
CA ASP B 210 -1.08 -12.86 2.13
C ASP B 210 0.42 -12.69 2.32
N LEU B 211 0.83 -11.90 3.31
CA LEU B 211 2.24 -11.71 3.55
C LEU B 211 2.74 -12.52 4.73
N ASP B 212 1.88 -13.33 5.36
CA ASP B 212 2.27 -14.15 6.53
C ASP B 212 2.66 -13.25 7.71
N LEU B 213 1.89 -12.20 7.91
CA LEU B 213 2.14 -11.35 9.02
C LEU B 213 0.93 -11.51 9.91
N GLU B 214 1.17 -11.56 11.21
CA GLU B 214 0.10 -11.61 12.18
C GLU B 214 -0.49 -10.22 12.32
N VAL B 215 -1.79 -10.13 12.40
CA VAL B 215 -2.46 -8.85 12.47
C VAL B 215 -3.13 -8.60 13.84
N VAL B 216 -2.85 -7.45 14.42
CA VAL B 216 -3.44 -7.04 15.70
C VAL B 216 -4.35 -5.83 15.42
N ALA B 217 -5.61 -5.90 15.79
CA ALA B 217 -6.50 -4.77 15.63
C ALA B 217 -6.37 -3.97 16.90
N GLU B 218 -6.10 -2.68 16.80
CA GLU B 218 -6.04 -1.84 18.00
C GLU B 218 -7.40 -1.14 18.22
N GLY B 219 -7.74 -0.90 19.48
CA GLY B 219 -8.94 -0.11 19.77
C GLY B 219 -10.23 -0.89 19.78
N VAL B 220 -10.15 -2.18 20.07
CA VAL B 220 -11.34 -2.96 20.14
C VAL B 220 -12.02 -2.45 21.38
N GLU B 221 -13.21 -1.86 21.21
CA GLU B 221 -13.98 -1.27 22.29
C GLU B 221 -15.04 -2.20 22.86
N ASN B 222 -15.46 -3.18 22.10
CA ASN B 222 -16.49 -4.08 22.58
C ASN B 222 -16.48 -5.40 21.86
N ALA B 223 -17.30 -6.30 22.38
CA ALA B 223 -17.45 -7.67 21.86
C ALA B 223 -17.92 -7.73 20.40
N GLU B 224 -18.70 -6.75 19.98
CA GLU B 224 -19.18 -6.72 18.60
C GLU B 224 -18.07 -6.43 17.62
N ALA B 226 -15.04 -7.00 18.32
CA ALA B 226 -14.21 -8.16 18.49
C ALA B 226 -14.66 -9.26 17.59
N HIS B 227 -15.97 -9.51 17.57
CA HIS B 227 -16.51 -10.58 16.75
C HIS B 227 -16.39 -10.34 15.29
N ALA B 228 -16.55 -9.09 14.84
CA ALA B 228 -16.38 -8.75 13.43
C ALA B 228 -14.96 -9.05 13.01
N LEU B 229 -13.99 -8.63 13.80
CA LEU B 229 -12.58 -8.83 13.47
C LEU B 229 -12.27 -10.33 13.42
N GLN B 230 -12.85 -11.08 14.34
CA GLN B 230 -12.65 -12.53 14.38
C GLN B 230 -13.15 -13.19 13.08
N SER B 231 -14.33 -12.78 12.60
CA SER B 231 -14.92 -13.32 11.37
C SER B 231 -14.07 -13.02 10.15
N LEU B 232 -13.37 -11.89 10.15
CA LEU B 232 -12.47 -11.54 9.05
C LEU B 232 -11.12 -12.31 9.09
N GLY B 233 -10.86 -13.04 10.18
CA GLY B 233 -9.61 -13.78 10.31
C GLY B 233 -8.50 -13.00 11.00
N CYS B 234 -8.81 -11.84 11.56
CA CYS B 234 -7.79 -11.00 12.27
C CYS B 234 -7.26 -11.81 13.46
N ASP B 235 -5.95 -11.87 13.59
CA ASP B 235 -5.30 -12.68 14.62
C ASP B 235 -5.54 -12.25 16.07
N TYR B 236 -5.20 -10.99 16.35
CA TYR B 236 -5.32 -10.44 17.69
C TYR B 236 -6.04 -9.14 17.80
N GLY B 237 -6.39 -8.86 19.04
CA GLY B 237 -7.08 -7.64 19.41
C GLY B 237 -6.56 -7.08 20.72
N GLN B 238 -6.64 -5.77 20.85
CA GLN B 238 -6.30 -5.07 22.07
C GLN B 238 -7.15 -3.79 22.09
N GLY B 239 -7.48 -3.32 23.29
CA GLY B 239 -8.28 -2.11 23.43
C GLY B 239 -9.08 -2.12 24.73
N PHE B 240 -9.72 -1.00 25.02
CA PHE B 240 -10.50 -0.87 26.27
C PHE B 240 -11.62 -1.87 26.43
N GLY B 241 -11.99 -2.53 25.34
CA GLY B 241 -12.99 -3.55 25.42
C GLY B 241 -12.45 -4.74 26.22
N TYR B 242 -11.12 -4.86 26.31
CA TYR B 242 -10.54 -5.92 27.13
C TYR B 242 -9.97 -5.32 28.43
N ALA B 243 -9.01 -4.39 28.28
CA ALA B 243 -8.39 -3.70 29.40
C ALA B 243 -7.42 -2.59 28.94
N PRO B 244 -7.27 -1.52 29.75
CA PRO B 244 -6.31 -0.47 29.46
C PRO B 244 -4.90 -0.95 29.82
N ALA B 245 -3.90 -0.05 29.81
CA ALA B 245 -2.56 -0.43 30.22
C ALA B 245 -2.67 -0.67 31.75
N LEU B 246 -2.45 -1.91 32.17
CA LEU B 246 -2.52 -2.29 33.57
C LEU B 246 -1.23 -2.18 34.36
N SER B 247 -1.33 -1.98 35.67
CA SER B 247 -0.17 -2.02 36.53
C SER B 247 0.25 -3.51 36.55
N PRO B 248 1.51 -3.78 36.89
CA PRO B 248 2.01 -5.15 36.93
C PRO B 248 1.14 -6.14 37.70
N GLN B 249 0.74 -5.77 38.88
CA GLN B 249 -0.02 -6.68 39.71
C GLN B 249 -1.39 -6.96 39.13
N GLU B 250 -2.02 -5.99 38.46
CA GLU B 250 -3.30 -6.30 37.79
C GLU B 250 -3.09 -7.18 36.56
N ALA B 251 -1.99 -6.95 35.85
CA ALA B 251 -1.70 -7.70 34.63
C ALA B 251 -1.39 -9.14 35.01
N GLU B 252 -0.73 -9.32 36.15
CA GLU B 252 -0.41 -10.65 36.59
C GLU B 252 -1.67 -11.47 36.81
N VAL B 253 -2.79 -10.84 37.14
CA VAL B 253 -4.02 -11.59 37.33
C VAL B 253 -4.43 -12.35 36.08
N TYR B 254 -4.17 -11.82 34.89
CA TYR B 254 -4.51 -12.53 33.65
C TYR B 254 -3.72 -13.82 33.46
N LEU B 255 -2.48 -13.85 33.97
CA LEU B 255 -1.63 -15.04 33.87
C LEU B 255 -2.14 -16.19 34.74
#